data_5DRB
#
_entry.id   5DRB
#
_cell.length_a   38.642
_cell.length_b   57.670
_cell.length_c   65.532
_cell.angle_alpha   90.00
_cell.angle_beta   89.90
_cell.angle_gamma   90.00
#
_symmetry.space_group_name_H-M   'P 1 21 1'
#
loop_
_entity.id
_entity.type
_entity.pdbx_description
1 polymer 'Serine/threonine-protein kinase WNK1'
2 non-polymer N-tert-butyl-1-(1-{5-[5-(trifluoromethyl)-1,3,4-oxadiazol-2-yl]pyridin-2-yl}piperidin-4-yl)-1H-imidazole-5-carboxamide
3 water water
#
_entity_poly.entity_id   1
_entity_poly.type   'polypeptide(L)'
_entity_poly.pdbx_seq_one_letter_code
;GQEERNQQQDDIEELETKAVGMSNDGRFLKFDIEIGRGSFKTVYKGLDTETTVEVAWCELQDRKLTKSERQRFKEEAEML
KGLQHPNIVRFYDSWESTVKGKKCIVLVTELMTSGTLKTYLKRFKVMKIKVLRSWCRQILKGLQFLHTRTPPIIHRDLKC
DNIFITGPTGSVKIGDLGLATLKRASFAKAVIGTPEFMAPEMYEEKYDESVDVYAFGMCMLEMATSEYPYSECQNAAQIY
RRVTSGVKPASFDKVAIPEVKEIIEGCIRQNKDERYSIKDLLNHAFFQEET
;
_entity_poly.pdbx_strand_id   A
#
loop_
_chem_comp.id
_chem_comp.type
_chem_comp.name
_chem_comp.formula
5FJ non-polymer N-tert-butyl-1-(1-{5-[5-(trifluoromethyl)-1,3,4-oxadiazol-2-yl]pyridin-2-yl}piperidin-4-yl)-1H-imidazole-5-carboxamide 'C21 H24 F3 N7 O2'
#
# COMPACT_ATOMS: atom_id res chain seq x y z
N THR A 17 30.86 1.33 3.03
CA THR A 17 30.81 -0.11 3.24
C THR A 17 30.31 -0.46 4.63
N LYS A 18 30.30 0.53 5.52
CA LYS A 18 30.15 0.30 6.96
C LYS A 18 28.72 0.33 7.49
N ALA A 19 28.51 -0.41 8.58
CA ALA A 19 27.24 -0.37 9.32
C ALA A 19 27.09 0.98 10.03
N VAL A 20 25.90 1.56 9.95
CA VAL A 20 25.61 2.89 10.49
C VAL A 20 24.35 2.84 11.37
N GLY A 21 24.01 1.63 11.81
CA GLY A 21 22.85 1.45 12.65
C GLY A 21 22.64 -0.02 12.91
N MET A 22 21.99 -0.34 14.02
CA MET A 22 21.80 -1.73 14.40
C MET A 22 20.57 -1.86 15.30
N SER A 23 19.87 -2.99 15.19
CA SER A 23 18.83 -3.31 16.14
C SER A 23 19.52 -3.75 17.43
N ASN A 24 18.81 -3.64 18.56
CA ASN A 24 19.39 -3.97 19.87
C ASN A 24 20.04 -5.36 19.89
N ASP A 25 19.40 -6.34 19.25
CA ASP A 25 19.90 -7.71 19.27
C ASP A 25 20.94 -8.00 18.19
N GLY A 26 21.30 -6.96 17.43
CA GLY A 26 22.30 -7.10 16.39
C GLY A 26 21.87 -7.89 15.16
N ARG A 27 20.60 -8.28 15.09
CA ARG A 27 20.13 -9.03 13.93
C ARG A 27 20.15 -8.19 12.66
N PHE A 28 19.78 -6.91 12.78
CA PHE A 28 19.66 -6.06 11.61
C PHE A 28 20.66 -4.91 11.59
N LEU A 29 21.38 -4.81 10.47
CA LEU A 29 22.33 -3.71 10.27
C LEU A 29 21.73 -2.66 9.36
N LYS A 30 22.11 -1.42 9.56
CA LYS A 30 21.72 -0.35 8.66
C LYS A 30 22.93 0.13 7.86
N PHE A 31 22.77 0.28 6.55
CA PHE A 31 23.84 0.79 5.71
C PHE A 31 23.51 2.20 5.25
N ASP A 32 24.52 3.04 5.11
CA ASP A 32 24.27 4.39 4.61
C ASP A 32 24.12 4.34 3.09
N ILE A 33 23.07 3.67 2.64
CA ILE A 33 22.74 3.59 1.23
C ILE A 33 21.26 3.86 1.09
N GLU A 34 20.91 5.03 0.57
CA GLU A 34 19.51 5.42 0.45
C GLU A 34 18.84 4.79 -0.77
N ILE A 35 17.77 4.04 -0.52
CA ILE A 35 16.99 3.41 -1.59
C ILE A 35 15.99 4.40 -2.17
N GLY A 36 15.47 5.27 -1.31
CA GLY A 36 14.50 6.27 -1.73
C GLY A 36 13.80 6.84 -0.52
N ARG A 37 12.98 7.87 -0.75
CA ARG A 37 12.24 8.51 0.33
C ARG A 37 10.87 8.91 -0.21
N GLY A 38 9.94 9.23 0.69
CA GLY A 38 8.63 9.66 0.26
C GLY A 38 7.58 9.35 1.30
N SER A 39 6.67 10.30 1.51
CA SER A 39 5.57 10.14 2.46
C SER A 39 6.06 9.78 3.86
N PHE A 40 6.75 10.73 4.51
CA PHE A 40 7.19 10.59 5.90
C PHE A 40 8.12 9.39 6.10
N LYS A 41 8.98 9.13 5.13
CA LYS A 41 9.76 7.91 5.14
C LYS A 41 11.07 8.02 4.40
N THR A 42 12.11 7.39 4.94
CA THR A 42 13.35 7.23 4.22
C THR A 42 13.74 5.76 4.33
N VAL A 43 14.20 5.18 3.23
CA VAL A 43 14.48 3.75 3.19
C VAL A 43 15.93 3.49 2.83
N TYR A 44 16.58 2.64 3.63
CA TYR A 44 17.99 2.35 3.44
C TYR A 44 18.22 0.88 3.19
N LYS A 45 19.36 0.56 2.59
CA LYS A 45 19.79 -0.83 2.51
C LYS A 45 20.14 -1.30 3.91
N GLY A 46 19.97 -2.59 4.15
CA GLY A 46 20.26 -3.16 5.44
C GLY A 46 20.55 -4.65 5.30
N LEU A 47 20.81 -5.29 6.43
CA LEU A 47 21.26 -6.67 6.42
C LEU A 47 20.67 -7.45 7.58
N ASP A 48 20.08 -8.60 7.27
CA ASP A 48 19.75 -9.59 8.28
C ASP A 48 21.00 -10.45 8.45
N THR A 49 21.78 -10.18 9.50
CA THR A 49 22.99 -10.96 9.77
C THR A 49 22.66 -12.41 10.09
N GLU A 50 21.43 -12.66 10.51
CA GLU A 50 20.98 -14.00 10.87
C GLU A 50 20.86 -14.91 9.65
N THR A 51 20.60 -14.31 8.48
CA THR A 51 20.47 -15.07 7.23
C THR A 51 21.40 -14.58 6.12
N THR A 52 22.07 -13.45 6.36
CA THR A 52 22.91 -12.76 5.36
C THR A 52 22.09 -12.14 4.22
N VAL A 53 20.78 -12.39 4.23
CA VAL A 53 19.89 -11.77 3.25
C VAL A 53 19.72 -10.28 3.52
N GLU A 54 19.91 -9.48 2.46
CA GLU A 54 19.78 -8.04 2.53
C GLU A 54 18.31 -7.66 2.70
N VAL A 55 18.06 -6.55 3.40
CA VAL A 55 16.71 -6.14 3.74
C VAL A 55 16.54 -4.63 3.54
N ALA A 56 15.30 -4.15 3.67
CA ALA A 56 15.03 -2.72 3.63
C ALA A 56 14.87 -2.17 5.05
N TRP A 57 15.60 -1.09 5.35
CA TRP A 57 15.53 -0.47 6.67
C TRP A 57 14.78 0.84 6.48
N CYS A 58 13.52 0.87 6.91
CA CYS A 58 12.67 2.03 6.66
CA CYS A 58 12.65 2.02 6.66
C CYS A 58 12.48 2.85 7.93
N GLU A 59 12.87 4.12 7.88
CA GLU A 59 12.71 4.96 9.04
C GLU A 59 11.50 5.87 8.92
N LEU A 60 10.61 5.77 9.89
CA LEU A 60 9.35 6.52 9.91
C LEU A 60 9.41 7.76 10.79
N GLN A 61 8.98 8.90 10.25
CA GLN A 61 8.81 10.13 11.02
C GLN A 61 8.01 9.87 12.29
N ASP A 62 8.27 10.64 13.34
CA ASP A 62 7.65 10.39 14.64
C ASP A 62 6.38 11.22 14.85
N ARG A 63 5.36 10.61 15.46
CA ARG A 63 4.21 11.37 15.92
C ARG A 63 4.29 11.50 17.43
N LYS A 64 3.13 11.54 18.06
CA LYS A 64 3.03 11.48 19.51
C LYS A 64 1.88 10.55 19.78
N LEU A 65 2.15 9.25 19.69
CA LEU A 65 1.13 8.27 19.97
C LEU A 65 0.92 8.25 21.47
N THR A 66 -0.33 8.35 21.91
CA THR A 66 -0.64 8.09 23.31
C THR A 66 -0.24 6.64 23.51
N LYS A 67 0.12 6.26 24.73
CA LYS A 67 0.56 4.89 24.89
C LYS A 67 -0.59 3.89 24.92
N SER A 68 -1.81 4.41 24.82
CA SER A 68 -2.92 3.63 24.31
C SER A 68 -2.57 3.27 22.88
N GLU A 69 -2.43 4.31 22.04
CA GLU A 69 -2.12 4.17 20.62
C GLU A 69 -0.85 3.34 20.38
N ARG A 70 0.21 3.60 21.13
CA ARG A 70 1.48 2.93 20.90
C ARG A 70 1.39 1.43 21.20
N GLN A 71 0.52 1.05 22.12
CA GLN A 71 0.30 -0.36 22.42
C GLN A 71 -0.49 -1.07 21.32
N ARG A 72 -1.44 -0.37 20.72
CA ARG A 72 -2.17 -0.92 19.58
C ARG A 72 -1.21 -1.21 18.43
N PHE A 73 -0.26 -0.31 18.20
CA PHE A 73 0.67 -0.49 17.09
C PHE A 73 1.66 -1.63 17.33
N LYS A 74 2.15 -1.77 18.56
CA LYS A 74 3.06 -2.88 18.85
C LYS A 74 2.34 -4.22 18.75
N GLU A 75 1.07 -4.22 19.15
CA GLU A 75 0.21 -5.39 18.97
C GLU A 75 0.02 -5.71 17.50
N GLU A 76 -0.22 -4.67 16.69
CA GLU A 76 -0.43 -4.87 15.26
C GLU A 76 0.85 -5.37 14.59
N ALA A 77 1.98 -4.80 14.98
CA ALA A 77 3.27 -5.24 14.46
C ALA A 77 3.52 -6.70 14.78
N GLU A 78 3.17 -7.10 16.00
CA GLU A 78 3.35 -8.49 16.40
C GLU A 78 2.47 -9.41 15.56
N MET A 79 1.25 -8.98 15.29
CA MET A 79 0.34 -9.76 14.44
C MET A 79 0.90 -9.88 13.02
N LEU A 80 1.42 -8.78 12.49
CA LEU A 80 1.83 -8.72 11.09
C LEU A 80 3.17 -9.38 10.80
N LYS A 81 4.06 -9.47 11.79
CA LYS A 81 5.35 -10.10 11.51
C LYS A 81 5.24 -11.63 11.33
N GLY A 82 4.16 -12.21 11.82
CA GLY A 82 3.94 -13.64 11.72
C GLY A 82 3.39 -14.10 10.38
N LEU A 83 2.98 -13.15 9.54
CA LEU A 83 2.37 -13.49 8.25
C LEU A 83 3.39 -13.77 7.16
N GLN A 84 3.06 -14.73 6.28
CA GLN A 84 3.83 -14.99 5.07
C GLN A 84 2.88 -15.30 3.91
N HIS A 85 3.05 -14.57 2.81
CA HIS A 85 2.31 -14.82 1.59
C HIS A 85 3.13 -14.27 0.41
N PRO A 86 3.12 -14.97 -0.74
CA PRO A 86 3.97 -14.53 -1.85
C PRO A 86 3.65 -13.14 -2.38
N ASN A 87 2.44 -12.62 -2.13
CA ASN A 87 2.08 -11.28 -2.60
C ASN A 87 1.91 -10.24 -1.51
N ILE A 88 2.62 -10.44 -0.39
CA ILE A 88 2.63 -9.49 0.72
C ILE A 88 4.10 -9.27 1.05
N VAL A 89 4.50 -8.01 1.13
CA VAL A 89 5.88 -7.64 1.51
C VAL A 89 6.17 -8.22 2.89
N ARG A 90 7.26 -8.96 3.01
CA ARG A 90 7.56 -9.63 4.27
C ARG A 90 8.04 -8.57 5.27
N PHE A 91 7.43 -8.58 6.45
CA PHE A 91 7.77 -7.65 7.53
C PHE A 91 8.48 -8.40 8.65
N TYR A 92 9.63 -7.90 9.10
CA TYR A 92 10.44 -8.65 10.06
C TYR A 92 10.37 -8.11 11.48
N ASP A 93 10.50 -6.79 11.63
CA ASP A 93 10.52 -6.23 12.98
C ASP A 93 10.43 -4.72 12.96
N SER A 94 10.14 -4.14 14.13
N SER A 94 10.14 -4.14 14.12
CA SER A 94 10.02 -2.70 14.27
CA SER A 94 10.08 -2.70 14.26
C SER A 94 10.44 -2.29 15.68
C SER A 94 10.46 -2.30 15.67
N TRP A 95 10.99 -1.09 15.80
CA TRP A 95 11.42 -0.56 17.10
C TRP A 95 11.72 0.91 16.96
N GLU A 96 11.89 1.60 18.09
CA GLU A 96 12.22 3.02 18.06
C GLU A 96 13.71 3.25 18.10
N SER A 97 14.16 4.33 17.47
CA SER A 97 15.58 4.55 17.23
C SER A 97 15.92 6.03 17.11
N THR A 98 17.07 6.41 17.67
CA THR A 98 17.51 7.80 17.66
C THR A 98 18.83 7.98 16.91
N VAL A 99 18.91 9.10 16.18
CA VAL A 99 20.19 9.67 15.77
C VAL A 99 20.06 11.17 16.04
N LYS A 100 20.97 11.68 16.86
CA LYS A 100 20.93 13.09 17.26
C LYS A 100 19.59 13.53 17.82
N GLY A 101 18.97 14.54 17.22
CA GLY A 101 17.74 15.10 17.77
C GLY A 101 16.50 14.48 17.18
N LYS A 102 16.68 13.44 16.38
CA LYS A 102 15.56 12.82 15.69
C LYS A 102 15.26 11.42 16.22
N LYS A 103 14.01 11.18 16.59
CA LYS A 103 13.56 9.82 16.88
C LYS A 103 12.68 9.30 15.73
N CYS A 104 12.79 8.01 15.44
CA CYS A 104 11.94 7.43 14.41
C CYS A 104 11.50 6.03 14.77
N ILE A 105 10.49 5.56 14.05
CA ILE A 105 10.12 4.15 14.09
C ILE A 105 10.84 3.50 12.92
N VAL A 106 11.67 2.49 13.21
CA VAL A 106 12.35 1.73 12.18
C VAL A 106 11.47 0.53 11.83
N LEU A 107 11.33 0.25 10.54
CA LEU A 107 10.59 -0.92 10.07
C LEU A 107 11.49 -1.69 9.13
N VAL A 108 11.76 -2.95 9.46
CA VAL A 108 12.56 -3.79 8.58
C VAL A 108 11.66 -4.74 7.78
N THR A 109 11.84 -4.72 6.46
CA THR A 109 11.07 -5.55 5.53
C THR A 109 12.02 -6.21 4.52
N GLU A 110 11.49 -7.07 3.66
CA GLU A 110 12.31 -7.58 2.58
C GLU A 110 12.63 -6.42 1.64
N LEU A 111 13.74 -6.53 0.91
CA LEU A 111 14.18 -5.46 0.02
C LEU A 111 13.63 -5.67 -1.39
N MET A 112 13.00 -4.62 -1.94
CA MET A 112 12.43 -4.67 -3.29
C MET A 112 13.05 -3.57 -4.14
N THR A 113 14.25 -3.81 -4.66
CA THR A 113 14.96 -2.78 -5.42
C THR A 113 14.31 -2.40 -6.76
N SER A 114 13.40 -3.22 -7.27
CA SER A 114 12.73 -2.89 -8.53
C SER A 114 11.65 -1.82 -8.39
N GLY A 115 11.30 -1.46 -7.16
CA GLY A 115 10.36 -0.37 -6.90
C GLY A 115 8.88 -0.76 -7.01
N THR A 116 8.02 0.24 -7.23
CA THR A 116 6.57 0.09 -7.18
C THR A 116 5.87 0.13 -8.54
N LEU A 117 4.56 -0.11 -8.54
CA LEU A 117 3.75 0.02 -9.75
C LEU A 117 3.74 1.46 -10.24
N LYS A 118 3.76 2.42 -9.32
CA LYS A 118 3.82 3.83 -9.68
C LYS A 118 5.06 4.07 -10.53
N THR A 119 6.19 3.54 -10.08
CA THR A 119 7.45 3.73 -10.80
C THR A 119 7.45 2.99 -12.14
N TYR A 120 6.84 1.81 -12.15
CA TYR A 120 6.71 1.05 -13.37
C TYR A 120 5.95 1.82 -14.45
N LEU A 121 4.84 2.43 -14.07
CA LEU A 121 4.00 3.14 -15.04
C LEU A 121 4.72 4.38 -15.56
N LYS A 122 5.49 5.02 -14.68
CA LYS A 122 6.29 6.18 -15.08
C LYS A 122 7.33 5.78 -16.12
N ARG A 123 8.01 4.66 -15.86
CA ARG A 123 9.08 4.16 -16.74
C ARG A 123 8.61 3.60 -18.07
N PHE A 124 7.49 2.88 -18.05
CA PHE A 124 7.06 2.15 -19.23
C PHE A 124 5.84 2.76 -19.90
N LYS A 125 5.39 3.87 -19.34
CA LYS A 125 4.34 4.72 -19.92
C LYS A 125 2.94 4.10 -19.91
N VAL A 126 2.83 2.84 -20.33
CA VAL A 126 1.59 2.09 -20.24
C VAL A 126 1.83 0.69 -19.69
N MET A 127 0.79 0.05 -19.17
CA MET A 127 0.88 -1.36 -18.79
C MET A 127 0.07 -2.20 -19.78
N LYS A 128 0.71 -3.21 -20.37
CA LYS A 128 0.01 -4.03 -21.36
C LYS A 128 -1.04 -4.92 -20.69
N ILE A 129 -2.05 -5.33 -21.44
CA ILE A 129 -3.17 -6.09 -20.84
C ILE A 129 -2.80 -7.39 -20.13
N LYS A 130 -1.84 -8.14 -20.66
CA LYS A 130 -1.44 -9.41 -20.04
C LYS A 130 -0.78 -9.16 -18.67
N VAL A 131 0.06 -8.14 -18.61
CA VAL A 131 0.65 -7.72 -17.34
C VAL A 131 -0.40 -7.25 -16.33
N LEU A 132 -1.28 -6.33 -16.75
CA LEU A 132 -2.37 -5.84 -15.91
C LEU A 132 -3.19 -6.99 -15.34
N ARG A 133 -3.58 -7.95 -16.18
CA ARG A 133 -4.34 -9.11 -15.71
C ARG A 133 -3.57 -9.91 -14.66
N SER A 134 -2.30 -10.20 -14.91
N SER A 134 -2.29 -10.18 -14.90
CA SER A 134 -1.52 -11.04 -14.01
CA SER A 134 -1.50 -11.04 -14.00
C SER A 134 -1.28 -10.37 -12.67
C SER A 134 -1.24 -10.37 -12.66
N TRP A 135 -0.89 -9.11 -12.71
CA TRP A 135 -0.57 -8.37 -11.50
C TRP A 135 -1.82 -8.04 -10.68
N CYS A 136 -2.91 -7.67 -11.36
CA CYS A 136 -4.16 -7.50 -10.63
C CYS A 136 -4.63 -8.77 -9.95
N ARG A 137 -4.46 -9.92 -10.61
CA ARG A 137 -4.83 -11.19 -10.01
C ARG A 137 -4.00 -11.43 -8.75
N GLN A 138 -2.70 -11.11 -8.82
CA GLN A 138 -1.82 -11.23 -7.66
C GLN A 138 -2.22 -10.30 -6.52
N ILE A 139 -2.63 -9.08 -6.85
CA ILE A 139 -3.10 -8.14 -5.83
C ILE A 139 -4.32 -8.72 -5.15
N LEU A 140 -5.23 -9.29 -5.95
CA LEU A 140 -6.42 -9.91 -5.37
C LEU A 140 -6.09 -11.09 -4.47
N LYS A 141 -5.11 -11.93 -4.85
CA LYS A 141 -4.74 -13.08 -4.03
C LYS A 141 -4.16 -12.58 -2.70
N GLY A 142 -3.42 -11.49 -2.77
CA GLY A 142 -2.88 -10.85 -1.57
C GLY A 142 -3.98 -10.35 -0.66
N LEU A 143 -4.94 -9.62 -1.23
CA LEU A 143 -6.08 -9.16 -0.44
C LEU A 143 -6.91 -10.28 0.13
N GLN A 144 -7.17 -11.32 -0.68
CA GLN A 144 -7.92 -12.48 -0.18
C GLN A 144 -7.22 -13.13 1.03
N PHE A 145 -5.90 -13.25 0.97
CA PHE A 145 -5.11 -13.74 2.12
C PHE A 145 -5.38 -12.86 3.34
N LEU A 146 -5.23 -11.55 3.19
CA LEU A 146 -5.46 -10.67 4.33
C LEU A 146 -6.86 -10.79 4.91
N HIS A 147 -7.86 -10.78 4.04
CA HIS A 147 -9.25 -10.73 4.48
C HIS A 147 -9.70 -12.04 5.10
N THR A 148 -8.96 -13.11 4.84
CA THR A 148 -9.28 -14.42 5.41
C THR A 148 -8.45 -14.77 6.65
N ARG A 149 -7.61 -13.86 7.11
CA ARG A 149 -6.93 -14.04 8.39
C ARG A 149 -8.01 -14.02 9.47
N THR A 150 -7.67 -14.52 10.65
CA THR A 150 -8.60 -14.55 11.76
C THR A 150 -8.03 -13.77 12.92
N PRO A 151 -8.56 -12.56 13.19
CA PRO A 151 -9.64 -11.85 12.49
C PRO A 151 -9.11 -11.27 11.18
N PRO A 152 -10.01 -10.86 10.28
CA PRO A 152 -9.56 -10.33 9.00
C PRO A 152 -8.63 -9.11 9.17
N ILE A 153 -7.66 -8.99 8.26
CA ILE A 153 -6.80 -7.82 8.22
C ILE A 153 -7.23 -6.98 7.02
N ILE A 154 -7.46 -5.69 7.25
CA ILE A 154 -7.86 -4.78 6.17
C ILE A 154 -6.68 -3.86 5.92
N HIS A 155 -6.28 -3.69 4.66
CA HIS A 155 -5.10 -2.88 4.38
C HIS A 155 -5.35 -1.40 4.69
N ARG A 156 -6.43 -0.88 4.10
CA ARG A 156 -6.97 0.47 4.33
C ARG A 156 -6.29 1.60 3.56
N ASP A 157 -5.15 1.31 2.93
CA ASP A 157 -4.45 2.34 2.14
C ASP A 157 -3.74 1.78 0.91
N LEU A 158 -4.37 0.84 0.22
CA LEU A 158 -3.76 0.25 -0.96
C LEU A 158 -3.70 1.25 -2.11
N LYS A 159 -2.50 1.41 -2.69
CA LYS A 159 -2.32 2.29 -3.86
C LYS A 159 -1.11 1.84 -4.69
N CYS A 160 -0.99 2.35 -5.90
CA CYS A 160 0.09 1.89 -6.76
C CYS A 160 1.47 2.20 -6.18
N ASP A 161 1.56 3.24 -5.37
CA ASP A 161 2.86 3.57 -4.80
C ASP A 161 3.21 2.81 -3.52
N ASN A 162 2.38 1.83 -3.15
CA ASN A 162 2.82 0.90 -2.13
C ASN A 162 2.65 -0.56 -2.54
N ILE A 163 2.48 -0.79 -3.83
CA ILE A 163 2.52 -2.15 -4.38
C ILE A 163 3.86 -2.29 -5.10
N PHE A 164 4.64 -3.30 -4.69
CA PHE A 164 6.02 -3.45 -5.19
C PHE A 164 6.19 -4.62 -6.16
N ILE A 165 7.18 -4.55 -7.05
CA ILE A 165 7.43 -5.65 -7.98
C ILE A 165 8.77 -6.34 -7.68
N THR A 166 8.84 -7.65 -7.88
CA THR A 166 10.09 -8.39 -7.64
C THR A 166 11.09 -8.20 -8.79
N GLY A 167 10.58 -7.80 -9.94
CA GLY A 167 11.40 -7.53 -11.12
C GLY A 167 10.49 -6.92 -12.17
N PRO A 168 11.07 -6.41 -13.27
CA PRO A 168 10.22 -5.79 -14.29
C PRO A 168 9.25 -6.80 -14.91
N THR A 169 9.59 -8.09 -14.86
CA THR A 169 8.67 -9.13 -15.27
C THR A 169 8.39 -10.13 -14.15
N GLY A 170 8.49 -9.67 -12.92
CA GLY A 170 8.31 -10.55 -11.77
C GLY A 170 6.90 -10.54 -11.24
N SER A 171 6.76 -10.71 -9.93
CA SER A 171 5.45 -10.76 -9.28
C SER A 171 5.26 -9.50 -8.46
N VAL A 172 4.05 -9.25 -7.98
CA VAL A 172 3.85 -8.06 -7.15
C VAL A 172 3.61 -8.45 -5.70
N LYS A 173 3.99 -7.53 -4.80
CA LYS A 173 3.76 -7.70 -3.38
C LYS A 173 3.16 -6.44 -2.80
N ILE A 174 2.15 -6.60 -1.95
CA ILE A 174 1.49 -5.48 -1.29
C ILE A 174 2.34 -4.99 -0.12
N GLY A 175 2.71 -3.73 -0.18
CA GLY A 175 3.53 -3.12 0.88
C GLY A 175 2.73 -2.24 1.83
N ASP A 176 3.40 -1.74 2.87
CA ASP A 176 2.84 -0.78 3.80
C ASP A 176 1.69 -1.25 4.69
N LEU A 177 1.51 -2.56 4.82
CA LEU A 177 0.50 -3.09 5.73
C LEU A 177 0.69 -2.55 7.16
N GLY A 178 -0.41 -2.17 7.80
CA GLY A 178 -0.37 -1.77 9.20
C GLY A 178 -0.06 -0.31 9.41
N LEU A 179 0.39 0.37 8.37
CA LEU A 179 0.76 1.77 8.56
C LEU A 179 -0.45 2.73 8.52
N ALA A 180 -1.57 2.27 7.95
CA ALA A 180 -2.75 3.11 7.82
C ALA A 180 -3.38 3.51 9.16
N THR A 181 -3.05 2.78 10.22
CA THR A 181 -3.60 3.07 11.55
C THR A 181 -3.23 4.50 11.97
N LEU A 182 -2.02 4.89 11.62
CA LEU A 182 -1.43 6.15 12.07
C LEU A 182 -2.02 7.41 11.40
N LYS A 183 -2.88 7.24 10.39
CA LYS A 183 -3.34 8.38 9.58
C LYS A 183 -4.84 8.41 9.25
N ARG A 184 -5.70 8.42 10.28
CA ARG A 184 -7.16 8.43 10.11
C ARG A 184 -7.75 9.63 9.36
N ALA A 185 -9.05 9.56 9.10
CA ALA A 185 -9.79 10.64 8.44
C ALA A 185 -10.01 11.83 9.38
N SER A 186 -10.16 11.56 10.67
CA SER A 186 -10.29 12.59 11.68
C SER A 186 -9.04 13.45 11.78
N PHE A 187 -7.94 12.93 11.27
CA PHE A 187 -6.62 13.53 11.41
C PHE A 187 -6.35 14.60 10.35
N ALA A 188 -6.09 15.84 10.80
CA ALA A 188 -5.90 16.96 9.89
C ALA A 188 -4.63 16.83 9.04
N LYS A 189 -4.76 17.10 7.74
CA LYS A 189 -3.67 16.90 6.79
C LYS A 189 -3.33 18.15 6.00
N ALA A 190 -2.05 18.51 6.03
CA ALA A 190 -1.56 19.64 5.25
C ALA A 190 -1.83 19.46 3.75
N VAL A 191 -2.22 20.54 3.08
CA VAL A 191 -2.35 20.54 1.63
C VAL A 191 -0.96 20.65 1.01
N ILE A 192 -0.37 19.49 0.75
CA ILE A 192 0.95 19.42 0.12
C ILE A 192 1.15 18.05 -0.54
N GLY A 193 1.82 18.04 -1.70
CA GLY A 193 2.00 16.81 -2.45
C GLY A 193 0.69 16.32 -3.07
N THR A 194 0.69 15.08 -3.54
CA THR A 194 -0.52 14.50 -4.12
C THR A 194 -1.60 14.30 -3.07
N PRO A 195 -2.82 14.81 -3.35
CA PRO A 195 -3.93 14.69 -2.39
C PRO A 195 -4.39 13.24 -2.25
N GLU A 196 -4.67 12.82 -1.02
CA GLU A 196 -5.09 11.45 -0.74
C GLU A 196 -6.61 11.38 -0.61
N PHE A 197 -7.15 10.17 -0.75
CA PHE A 197 -8.57 9.95 -0.57
C PHE A 197 -8.80 8.48 -0.31
N MET A 198 -10.03 8.10 -0.02
CA MET A 198 -10.31 6.72 0.31
C MET A 198 -11.77 6.45 0.03
N ALA A 199 -12.21 5.20 0.20
CA ALA A 199 -13.62 4.87 0.08
C ALA A 199 -14.46 5.81 0.94
N PRO A 200 -15.65 6.19 0.45
CA PRO A 200 -16.52 7.18 1.09
C PRO A 200 -16.75 6.92 2.58
N GLU A 201 -17.06 5.67 2.93
CA GLU A 201 -17.41 5.35 4.31
C GLU A 201 -16.22 5.48 5.27
N MET A 202 -14.99 5.45 4.73
CA MET A 202 -13.78 5.52 5.56
C MET A 202 -13.66 6.84 6.27
N TYR A 203 -14.16 7.90 5.65
CA TYR A 203 -14.07 9.23 6.26
C TYR A 203 -14.75 9.28 7.63
N GLU A 204 -15.73 8.40 7.85
CA GLU A 204 -16.44 8.35 9.12
C GLU A 204 -15.93 7.23 10.04
N GLU A 205 -14.82 6.61 9.65
CA GLU A 205 -14.14 5.59 10.47
C GLU A 205 -14.97 4.38 10.94
N LYS A 206 -16.04 4.08 10.22
CA LYS A 206 -16.75 2.80 10.36
C LYS A 206 -16.77 2.13 8.99
N TYR A 207 -16.25 0.89 8.90
CA TYR A 207 -15.97 0.26 7.60
C TYR A 207 -15.46 -1.20 7.67
N ASP A 208 -15.22 -1.81 6.51
CA ASP A 208 -14.81 -3.21 6.41
C ASP A 208 -13.95 -3.57 5.18
N GLU A 209 -13.93 -4.85 4.84
CA GLU A 209 -13.15 -5.36 3.70
C GLU A 209 -13.34 -4.61 2.40
N SER A 210 -14.55 -4.14 2.14
CA SER A 210 -14.86 -3.55 0.86
C SER A 210 -14.11 -2.26 0.58
N VAL A 211 -13.49 -1.66 1.61
CA VAL A 211 -12.65 -0.49 1.38
C VAL A 211 -11.42 -0.87 0.57
N ASP A 212 -10.96 -2.13 0.73
CA ASP A 212 -9.82 -2.58 -0.07
C ASP A 212 -10.24 -2.91 -1.50
N VAL A 213 -11.49 -3.30 -1.69
CA VAL A 213 -12.02 -3.49 -3.04
C VAL A 213 -12.12 -2.17 -3.80
N TYR A 214 -12.61 -1.15 -3.11
CA TYR A 214 -12.67 0.19 -3.70
C TYR A 214 -11.25 0.62 -4.08
N ALA A 215 -10.31 0.46 -3.15
CA ALA A 215 -8.92 0.80 -3.43
C ALA A 215 -8.34 -0.02 -4.58
N PHE A 216 -8.68 -1.29 -4.62
CA PHE A 216 -8.22 -2.13 -5.72
C PHE A 216 -8.72 -1.56 -7.06
N GLY A 217 -10.00 -1.18 -7.09
CA GLY A 217 -10.60 -0.60 -8.28
C GLY A 217 -9.80 0.61 -8.74
N MET A 218 -9.40 1.45 -7.79
CA MET A 218 -8.64 2.65 -8.13
C MET A 218 -7.23 2.31 -8.61
N CYS A 219 -6.63 1.27 -8.02
CA CYS A 219 -5.35 0.76 -8.51
C CYS A 219 -5.41 0.28 -9.95
N MET A 220 -6.41 -0.54 -10.24
CA MET A 220 -6.62 -1.05 -11.59
C MET A 220 -6.88 0.09 -12.58
N LEU A 221 -7.61 1.10 -12.13
CA LEU A 221 -7.87 2.29 -12.95
C LEU A 221 -6.56 2.99 -13.30
N GLU A 222 -5.72 3.19 -12.30
CA GLU A 222 -4.42 3.81 -12.55
C GLU A 222 -3.54 2.95 -13.47
N MET A 223 -3.56 1.63 -13.30
CA MET A 223 -2.75 0.77 -14.15
C MET A 223 -3.25 0.83 -15.60
N ALA A 224 -4.55 1.05 -15.76
CA ALA A 224 -5.16 1.02 -17.08
C ALA A 224 -5.05 2.36 -17.79
N THR A 225 -4.78 3.42 -17.02
CA THR A 225 -4.78 4.78 -17.58
C THR A 225 -3.46 5.52 -17.45
N SER A 226 -2.55 4.98 -16.65
CA SER A 226 -1.28 5.64 -16.34
C SER A 226 -1.47 7.07 -15.81
N GLU A 227 -2.53 7.24 -15.02
CA GLU A 227 -2.85 8.50 -14.36
C GLU A 227 -3.26 8.23 -12.93
N TYR A 228 -2.95 9.17 -12.04
CA TYR A 228 -3.51 9.12 -10.70
C TYR A 228 -4.97 9.55 -10.76
N PRO A 229 -5.87 8.74 -10.18
CA PRO A 229 -7.30 9.12 -10.18
C PRO A 229 -7.52 10.47 -9.48
N TYR A 230 -8.46 11.25 -10.01
CA TYR A 230 -8.80 12.57 -9.50
C TYR A 230 -7.66 13.58 -9.64
N SER A 231 -6.86 13.43 -10.70
CA SER A 231 -5.77 14.38 -10.98
C SER A 231 -6.32 15.79 -11.17
N GLU A 232 -7.60 15.87 -11.54
CA GLU A 232 -8.27 17.15 -11.79
C GLU A 232 -8.63 17.92 -10.52
N CYS A 233 -8.39 17.32 -9.35
CA CYS A 233 -8.58 18.02 -8.08
C CYS A 233 -7.23 18.47 -7.52
N GLN A 234 -7.22 19.60 -6.82
CA GLN A 234 -5.97 20.14 -6.30
C GLN A 234 -5.77 19.87 -4.81
N ASN A 235 -6.84 19.47 -4.11
CA ASN A 235 -6.72 19.09 -2.71
C ASN A 235 -7.66 17.98 -2.28
N ALA A 236 -7.40 17.42 -1.09
CA ALA A 236 -8.12 16.27 -0.57
C ALA A 236 -9.59 16.57 -0.30
N ALA A 237 -9.89 17.81 0.08
CA ALA A 237 -11.25 18.20 0.38
C ALA A 237 -12.13 18.19 -0.89
N GLN A 238 -11.58 18.63 -2.01
CA GLN A 238 -12.31 18.58 -3.27
C GLN A 238 -12.65 17.14 -3.63
N ILE A 239 -11.70 16.23 -3.44
CA ILE A 239 -11.92 14.82 -3.77
C ILE A 239 -12.99 14.20 -2.88
N TYR A 240 -12.95 14.52 -1.58
CA TYR A 240 -13.96 14.05 -0.64
C TYR A 240 -15.36 14.39 -1.14
N ARG A 241 -15.54 15.64 -1.56
CA ARG A 241 -16.85 16.10 -1.98
C ARG A 241 -17.36 15.29 -3.18
N ARG A 242 -16.45 14.90 -4.08
CA ARG A 242 -16.83 14.10 -5.24
C ARG A 242 -17.06 12.64 -4.90
N VAL A 243 -16.15 12.06 -4.12
CA VAL A 243 -16.26 10.65 -3.72
C VAL A 243 -17.53 10.38 -2.92
N THR A 244 -17.87 11.29 -2.01
CA THR A 244 -19.05 11.14 -1.15
C THR A 244 -20.36 11.52 -1.83
N SER A 245 -20.27 11.90 -3.10
CA SER A 245 -21.47 12.19 -3.89
C SER A 245 -21.49 11.29 -5.11
N GLY A 246 -20.63 10.26 -5.12
CA GLY A 246 -20.59 9.31 -6.21
C GLY A 246 -20.09 9.83 -7.55
N VAL A 247 -19.34 10.93 -7.53
CA VAL A 247 -18.75 11.47 -8.75
C VAL A 247 -17.40 10.81 -9.03
N LYS A 248 -17.34 10.06 -10.13
CA LYS A 248 -16.15 9.29 -10.49
C LYS A 248 -14.96 10.17 -10.87
N PRO A 249 -13.74 9.58 -10.84
CA PRO A 249 -12.57 10.31 -11.37
C PRO A 249 -12.74 10.49 -12.88
N ALA A 250 -12.22 11.58 -13.43
CA ALA A 250 -12.28 11.82 -14.86
C ALA A 250 -11.61 10.70 -15.67
N SER A 251 -10.59 10.09 -15.09
CA SER A 251 -9.83 9.07 -15.81
C SER A 251 -10.68 7.82 -16.12
N PHE A 252 -11.75 7.61 -15.37
CA PHE A 252 -12.59 6.43 -15.57
C PHE A 252 -13.06 6.34 -17.00
N ASP A 253 -13.40 7.49 -17.61
CA ASP A 253 -13.92 7.44 -18.98
C ASP A 253 -12.82 7.27 -20.02
N LYS A 254 -11.57 7.21 -19.57
CA LYS A 254 -10.44 7.00 -20.46
C LYS A 254 -10.00 5.54 -20.54
N VAL A 255 -10.62 4.67 -19.73
CA VAL A 255 -10.30 3.25 -19.76
C VAL A 255 -10.75 2.68 -21.10
N ALA A 256 -9.81 2.12 -21.85
CA ALA A 256 -10.07 1.71 -23.22
C ALA A 256 -10.77 0.36 -23.35
N ILE A 257 -10.48 -0.58 -22.46
CA ILE A 257 -11.07 -1.92 -22.55
C ILE A 257 -12.37 -2.02 -21.75
N PRO A 258 -13.50 -2.36 -22.42
CA PRO A 258 -14.79 -2.46 -21.74
C PRO A 258 -14.78 -3.35 -20.48
N GLU A 259 -14.16 -4.53 -20.57
CA GLU A 259 -14.14 -5.49 -19.47
C GLU A 259 -13.33 -4.97 -18.28
N VAL A 260 -12.23 -4.27 -18.57
CA VAL A 260 -11.45 -3.63 -17.51
C VAL A 260 -12.27 -2.52 -16.87
N LYS A 261 -12.95 -1.74 -17.70
CA LYS A 261 -13.77 -0.63 -17.21
C LYS A 261 -14.90 -1.14 -16.32
N GLU A 262 -15.53 -2.25 -16.73
CA GLU A 262 -16.64 -2.82 -15.99
C GLU A 262 -16.19 -3.30 -14.60
N ILE A 263 -15.01 -3.90 -14.54
CA ILE A 263 -14.48 -4.38 -13.27
C ILE A 263 -14.23 -3.20 -12.35
N ILE A 264 -13.61 -2.13 -12.89
CA ILE A 264 -13.34 -0.94 -12.08
C ILE A 264 -14.66 -0.36 -11.58
N GLU A 265 -15.66 -0.28 -12.47
CA GLU A 265 -16.94 0.31 -12.12
C GLU A 265 -17.60 -0.44 -10.97
N GLY A 266 -17.44 -1.76 -10.97
CA GLY A 266 -18.06 -2.58 -9.96
C GLY A 266 -17.34 -2.56 -8.64
N CYS A 267 -16.13 -2.03 -8.64
CA CYS A 267 -15.35 -1.90 -7.40
C CYS A 267 -15.52 -0.53 -6.76
N ILE A 268 -15.65 0.51 -7.57
CA ILE A 268 -15.61 1.87 -7.03
C ILE A 268 -17.01 2.48 -6.77
N ARG A 269 -18.00 1.63 -6.52
CA ARG A 269 -19.33 2.08 -6.13
C ARG A 269 -19.34 2.86 -4.81
N GLN A 270 -20.09 3.97 -4.77
CA GLN A 270 -20.23 4.74 -3.55
C GLN A 270 -20.77 3.89 -2.40
N ASN A 271 -21.78 3.08 -2.71
CA ASN A 271 -22.40 2.24 -1.70
C ASN A 271 -21.64 0.92 -1.56
N LYS A 272 -21.06 0.70 -0.40
CA LYS A 272 -20.18 -0.47 -0.20
C LYS A 272 -20.86 -1.80 -0.44
N ASP A 273 -22.16 -1.89 -0.15
CA ASP A 273 -22.83 -3.17 -0.29
C ASP A 273 -23.01 -3.63 -1.74
N GLU A 274 -22.79 -2.72 -2.68
CA GLU A 274 -22.93 -3.03 -4.11
C GLU A 274 -21.62 -3.46 -4.74
N ARG A 275 -20.51 -3.29 -4.03
CA ARG A 275 -19.20 -3.59 -4.62
C ARG A 275 -18.97 -5.07 -4.77
N TYR A 276 -18.18 -5.44 -5.78
CA TYR A 276 -17.72 -6.83 -5.93
C TYR A 276 -17.08 -7.34 -4.65
N SER A 277 -17.26 -8.63 -4.38
CA SER A 277 -16.43 -9.30 -3.40
C SER A 277 -15.11 -9.69 -4.05
N ILE A 278 -14.09 -9.90 -3.21
CA ILE A 278 -12.81 -10.41 -3.72
C ILE A 278 -13.04 -11.74 -4.45
N LYS A 279 -13.89 -12.59 -3.89
CA LYS A 279 -14.24 -13.86 -4.54
C LYS A 279 -14.80 -13.67 -5.94
N ASP A 280 -15.74 -12.75 -6.11
CA ASP A 280 -16.35 -12.61 -7.42
C ASP A 280 -15.35 -12.03 -8.43
N LEU A 281 -14.44 -11.18 -7.94
CA LEU A 281 -13.38 -10.67 -8.81
C LEU A 281 -12.44 -11.79 -9.26
N LEU A 282 -12.01 -12.63 -8.34
CA LEU A 282 -11.12 -13.73 -8.69
C LEU A 282 -11.79 -14.70 -9.64
N ASN A 283 -13.12 -14.78 -9.56
CA ASN A 283 -13.89 -15.70 -10.41
C ASN A 283 -14.38 -15.05 -11.71
N HIS A 284 -14.04 -13.78 -11.90
CA HIS A 284 -14.50 -13.01 -13.05
C HIS A 284 -13.82 -13.56 -14.29
N ALA A 285 -14.53 -13.54 -15.41
CA ALA A 285 -13.99 -14.06 -16.68
C ALA A 285 -12.65 -13.42 -17.02
N PHE A 286 -12.48 -12.13 -16.70
CA PHE A 286 -11.23 -11.43 -17.01
C PHE A 286 -10.04 -12.09 -16.34
N PHE A 287 -10.24 -12.67 -15.16
CA PHE A 287 -9.13 -13.21 -14.38
C PHE A 287 -8.92 -14.71 -14.49
N GLN A 288 -9.64 -15.35 -15.39
CA GLN A 288 -9.44 -16.78 -15.53
C GLN A 288 -8.12 -17.09 -16.24
N GLU A 289 -7.44 -18.11 -15.76
CA GLU A 289 -6.19 -18.56 -16.38
C GLU A 289 -6.53 -19.32 -17.64
C2 5FJ B . 3.64 -3.08 10.79
C41 5FJ B . 10.89 1.21 -0.77
C45 5FJ B . 10.99 3.19 -2.31
C46 5FJ B . 11.68 3.50 -3.67
C50 5FJ B . 9.47 3.42 -2.54
C11 5FJ B . 5.31 -3.23 5.05
C14 5FJ B . 6.79 -1.62 4.19
C15 5FJ B . 6.94 -1.09 5.46
C17 5FJ B . 6.28 -1.63 6.54
C20 5FJ B . 8.36 0.02 3.22
C23 5FJ B . 9.68 -0.36 2.51
C26 5FJ B . 9.43 -0.86 1.06
C28 5FJ B . 8.53 -2.11 1.12
F1 5FJ B . 2.70 -2.09 10.76
F3 5FJ B . 3.20 -4.10 11.52
F4 5FJ B . 4.77 -2.59 11.36
C5 5FJ B . 3.95 -3.54 9.40
N6 5FJ B . 3.68 -4.64 8.83
N7 5FJ B . 4.22 -4.51 7.52
C8 5FJ B . 4.72 -3.35 7.51
O9 5FJ B . 4.60 -2.68 8.63
C10 5FJ B . 5.43 -2.73 6.33
N13 5FJ B . 5.96 -2.67 4.01
N19 5FJ B . 7.42 -1.11 3.10
C31 5FJ B . 7.19 -1.67 1.77
N34 5FJ B . 10.66 -1.09 0.28
C35 5FJ B . 11.32 -2.21 0.24
N37 5FJ B . 12.30 -2.09 -0.53
C38 5FJ B . 12.34 -0.77 -1.06
C40 5FJ B . 11.27 -0.20 -0.50
O42 5FJ B . 10.21 1.83 0.03
N43 5FJ B . 11.31 1.81 -1.91
C54 5FJ B . 11.52 4.26 -1.28
#